data_1UF5
#
_entry.id   1UF5
#
_cell.length_a   67.424
_cell.length_b   137.275
_cell.length_c   67.976
_cell.angle_alpha   90.00
_cell.angle_beta   90.00
_cell.angle_gamma   90.00
#
_symmetry.space_group_name_H-M   'P 21 21 2'
#
loop_
_entity.id
_entity.type
_entity.pdbx_description
1 polymer 'N-carbamyl-D-amino acid amidohydrolase'
2 non-polymer '4-METHYLSULFANYL-2-UREIDO-BUTYRIC ACID'
3 non-polymer 1,2-ETHANEDIOL
4 water water
#
_entity_poly.entity_id   1
_entity_poly.type   'polypeptide(L)'
_entity_poly.pdbx_seq_one_letter_code
;TRQMILAVGQQGPIARAETREQVVVRLLDMLTKAASRGANFIVFPELALTTFFPRWHFTDEAELDSFYETEMPGPVVRPL
FEKAAELGIGFNLGYAELVVEGGVKRRFNTSILVDKSGKIVGKYRKIHLPGHKEYEAYRPFQHLEKRYFEPGDLGFPVYD
VDAAKMGMFIANDRRWPEAWRVMGLRGAEIICGGYNTPTHNPPVPQHDHLTSFHHLLSMQAGSYQNGAWSAAAGKAGMEE
NCMLLGHSCIVAPTGEIVALTTTLEDEVITAAVDLDRCRELREHIFNFKQHRQPQHYGLIAEL
;
_entity_poly.pdbx_strand_id   A,B
#
loop_
_chem_comp.id
_chem_comp.type
_chem_comp.name
_chem_comp.formula
CDT non-polymer '4-METHYLSULFANYL-2-UREIDO-BUTYRIC ACID' 'C6 H12 N2 O3 S'
EDO non-polymer 1,2-ETHANEDIOL 'C2 H6 O2'
#
# COMPACT_ATOMS: atom_id res chain seq x y z
N THR A 1 -25.95 12.21 -9.94
CA THR A 1 -24.87 12.02 -10.95
C THR A 1 -23.70 11.25 -10.37
N ARG A 2 -23.11 10.38 -11.19
CA ARG A 2 -21.98 9.56 -10.76
C ARG A 2 -20.80 9.73 -11.73
N GLN A 3 -21.00 10.55 -12.76
CA GLN A 3 -19.97 10.80 -13.77
C GLN A 3 -19.41 12.21 -13.66
N MET A 4 -18.12 12.36 -13.92
CA MET A 4 -17.45 13.66 -13.88
C MET A 4 -16.08 13.57 -14.56
N ILE A 5 -15.45 14.71 -14.78
CA ILE A 5 -14.13 14.73 -15.37
C ILE A 5 -13.19 15.41 -14.39
N LEU A 6 -12.18 14.66 -13.95
CA LEU A 6 -11.21 15.14 -12.99
C LEU A 6 -9.95 15.64 -13.68
N ALA A 7 -9.38 16.72 -13.15
CA ALA A 7 -8.16 17.27 -13.73
C ALA A 7 -7.10 17.50 -12.66
N VAL A 8 -5.85 17.53 -13.12
CA VAL A 8 -4.71 17.80 -12.25
C VAL A 8 -3.96 18.94 -12.90
N GLY A 9 -3.65 19.95 -12.09
CA GLY A 9 -2.91 21.10 -12.58
C GLY A 9 -1.54 21.11 -11.97
N GLN A 10 -0.61 20.42 -12.63
CA GLN A 10 0.76 20.38 -12.15
C GLN A 10 1.39 21.74 -12.33
N GLN A 11 2.21 22.16 -11.38
CA GLN A 11 2.88 23.45 -11.49
C GLN A 11 4.36 23.28 -11.75
N GLY A 12 4.92 24.22 -12.50
CA GLY A 12 6.35 24.24 -12.76
C GLY A 12 6.88 24.96 -11.54
N PRO A 13 8.17 25.30 -11.48
CA PRO A 13 8.71 26.00 -10.32
C PRO A 13 8.08 27.35 -10.00
N ILE A 14 8.12 27.72 -8.73
CA ILE A 14 7.62 29.01 -8.27
C ILE A 14 8.84 29.63 -7.58
N ALA A 15 9.33 30.74 -8.13
CA ALA A 15 10.50 31.40 -7.58
C ALA A 15 10.24 32.06 -6.24
N ARG A 16 11.30 32.27 -5.48
CA ARG A 16 11.20 32.89 -4.17
C ARG A 16 10.56 34.28 -4.26
N ALA A 17 10.87 35.01 -5.33
CA ALA A 17 10.35 36.36 -5.52
C ALA A 17 9.07 36.42 -6.37
N GLU A 18 8.63 35.27 -6.86
CA GLU A 18 7.43 35.24 -7.68
C GLU A 18 6.24 35.59 -6.79
N THR A 19 5.47 36.60 -7.20
CA THR A 19 4.33 37.06 -6.42
C THR A 19 3.10 36.16 -6.53
N ARG A 20 2.23 36.24 -5.53
CA ARG A 20 1.02 35.45 -5.54
C ARG A 20 0.16 35.86 -6.74
N GLU A 21 0.24 37.13 -7.12
CA GLU A 21 -0.52 37.59 -8.27
C GLU A 21 -0.07 36.83 -9.52
N GLN A 22 1.24 36.66 -9.66
CA GLN A 22 1.79 35.94 -10.80
C GLN A 22 1.40 34.47 -10.76
N VAL A 23 1.38 33.89 -9.55
CA VAL A 23 1.01 32.50 -9.39
C VAL A 23 -0.47 32.29 -9.71
N VAL A 24 -1.31 33.23 -9.30
CA VAL A 24 -2.73 33.13 -9.55
C VAL A 24 -3.01 33.17 -11.06
N VAL A 25 -2.22 33.96 -11.79
CA VAL A 25 -2.38 34.03 -13.23
C VAL A 25 -2.13 32.64 -13.82
N ARG A 26 -1.12 31.96 -13.29
CA ARG A 26 -0.78 30.62 -13.76
C ARG A 26 -1.85 29.61 -13.39
N LEU A 27 -2.40 29.73 -12.18
CA LEU A 27 -3.45 28.82 -11.73
C LEU A 27 -4.73 29.04 -12.52
N LEU A 28 -5.06 30.30 -12.78
CA LEU A 28 -6.25 30.63 -13.55
C LEU A 28 -6.16 30.04 -14.95
N ASP A 29 -4.97 30.11 -15.54
CA ASP A 29 -4.75 29.58 -16.87
C ASP A 29 -5.03 28.07 -16.91
N MET A 30 -4.53 27.35 -15.93
CA MET A 30 -4.75 25.91 -15.89
C MET A 30 -6.20 25.56 -15.60
N LEU A 31 -6.81 26.30 -14.69
CA LEU A 31 -8.20 26.03 -14.36
C LEU A 31 -9.09 26.27 -15.58
N THR A 32 -8.78 27.32 -16.34
CA THR A 32 -9.56 27.64 -17.53
C THR A 32 -9.36 26.58 -18.61
N LYS A 33 -8.13 26.14 -18.81
CA LYS A 33 -7.85 25.12 -19.81
C LYS A 33 -8.51 23.80 -19.42
N ALA A 34 -8.48 23.47 -18.13
CA ALA A 34 -9.09 22.25 -17.66
C ALA A 34 -10.60 22.27 -17.92
N ALA A 35 -11.24 23.38 -17.58
CA ALA A 35 -12.68 23.50 -17.79
C ALA A 35 -13.02 23.40 -19.28
N SER A 36 -12.17 23.94 -20.14
CA SER A 36 -12.41 23.89 -21.56
C SER A 36 -12.38 22.45 -22.08
N ARG A 37 -11.67 21.60 -21.33
CA ARG A 37 -11.56 20.19 -21.71
C ARG A 37 -12.57 19.32 -20.95
N GLY A 38 -13.58 19.98 -20.38
CA GLY A 38 -14.65 19.28 -19.68
C GLY A 38 -14.50 18.98 -18.20
N ALA A 39 -13.36 19.32 -17.61
CA ALA A 39 -13.13 19.05 -16.19
C ALA A 39 -14.06 19.86 -15.29
N ASN A 40 -14.53 19.23 -14.21
CA ASN A 40 -15.39 19.91 -13.26
C ASN A 40 -14.70 20.04 -11.91
N PHE A 41 -13.43 19.61 -11.85
CA PHE A 41 -12.64 19.71 -10.63
C PHE A 41 -11.17 19.58 -11.00
N ILE A 42 -10.33 20.44 -10.43
CA ILE A 42 -8.89 20.38 -10.71
C ILE A 42 -8.06 20.40 -9.43
N VAL A 43 -7.12 19.48 -9.33
CA VAL A 43 -6.26 19.38 -8.15
C VAL A 43 -4.96 20.14 -8.38
N PHE A 44 -4.63 21.03 -7.44
CA PHE A 44 -3.40 21.80 -7.52
C PHE A 44 -2.41 21.27 -6.47
N PRO A 45 -1.11 21.64 -6.59
CA PRO A 45 -0.09 21.17 -5.66
C PRO A 45 -0.15 21.61 -4.21
N GLU A 46 0.73 21.02 -3.42
CA GLU A 46 0.89 21.35 -2.01
C GLU A 46 1.60 22.71 -2.02
N LEU A 47 1.23 23.60 -1.10
CA LEU A 47 1.85 24.94 -1.03
C LEU A 47 1.97 25.50 -2.44
N ALA A 48 0.83 25.55 -3.13
CA ALA A 48 0.75 26.02 -4.51
C ALA A 48 0.83 27.52 -4.75
N LEU A 49 0.95 28.30 -3.68
CA LEU A 49 1.01 29.76 -3.84
C LEU A 49 2.41 30.34 -3.68
N THR A 50 3.36 29.52 -3.26
CA THR A 50 4.71 29.97 -3.03
C THR A 50 5.76 28.94 -3.40
N THR A 51 7.02 29.35 -3.31
CA THR A 51 8.14 28.47 -3.55
C THR A 51 8.11 27.53 -2.34
N PHE A 52 8.76 26.39 -2.40
CA PHE A 52 8.76 25.46 -1.27
C PHE A 52 9.78 25.94 -0.24
N PHE A 53 9.38 26.93 0.56
CA PHE A 53 10.26 27.51 1.58
C PHE A 53 10.81 26.61 2.67
N PRO A 54 10.20 25.43 2.91
CA PRO A 54 10.77 24.60 3.97
C PRO A 54 12.20 24.11 3.64
N ARG A 55 12.68 24.44 2.45
CA ARG A 55 14.03 24.02 2.05
C ARG A 55 15.11 24.91 2.65
N TRP A 56 14.71 26.00 3.31
CA TRP A 56 15.67 26.92 3.90
C TRP A 56 15.57 26.98 5.42
N HIS A 57 16.69 27.34 6.04
CA HIS A 57 16.75 27.49 7.48
C HIS A 57 16.51 28.98 7.73
N PHE A 58 15.32 29.32 8.23
CA PHE A 58 14.98 30.71 8.49
C PHE A 58 15.53 31.21 9.81
N THR A 59 15.87 32.49 9.83
CA THR A 59 16.40 33.14 11.02
C THR A 59 15.57 34.38 11.36
N ASP A 60 14.71 34.78 10.43
CA ASP A 60 13.86 35.95 10.62
C ASP A 60 12.39 35.52 10.52
N GLU A 61 11.64 35.74 11.59
CA GLU A 61 10.24 35.35 11.64
C GLU A 61 9.36 36.09 10.63
N ALA A 62 9.65 37.36 10.41
CA ALA A 62 8.87 38.16 9.45
C ALA A 62 9.00 37.55 8.06
N GLU A 63 10.22 37.17 7.70
CA GLU A 63 10.47 36.56 6.40
C GLU A 63 9.70 35.25 6.27
N LEU A 64 9.73 34.45 7.32
CA LEU A 64 9.02 33.17 7.31
C LEU A 64 7.53 33.40 7.14
N ASP A 65 6.98 34.31 7.93
CA ASP A 65 5.55 34.63 7.89
C ASP A 65 5.09 35.07 6.51
N SER A 66 5.96 35.72 5.75
CA SER A 66 5.60 36.21 4.43
C SER A 66 5.13 35.12 3.48
N PHE A 67 5.52 33.87 3.75
CA PHE A 67 5.11 32.77 2.88
C PHE A 67 3.79 32.11 3.27
N TYR A 68 3.14 32.65 4.30
CA TYR A 68 1.87 32.10 4.76
C TYR A 68 0.67 32.95 4.39
N GLU A 69 -0.50 32.33 4.41
CA GLU A 69 -1.75 33.02 4.12
C GLU A 69 -2.45 33.28 5.44
N THR A 70 -2.90 34.51 5.66
CA THR A 70 -3.58 34.86 6.90
C THR A 70 -5.09 34.87 6.68
N GLU A 71 -5.50 34.77 5.42
CA GLU A 71 -6.90 34.73 5.06
C GLU A 71 -7.01 33.92 3.77
N MET A 72 -8.16 33.28 3.56
CA MET A 72 -8.36 32.45 2.39
C MET A 72 -9.81 32.51 1.91
N PRO A 73 -10.05 33.16 0.77
CA PRO A 73 -9.02 33.82 -0.03
C PRO A 73 -8.84 35.30 0.30
N GLY A 74 -7.64 35.81 0.05
CA GLY A 74 -7.37 37.22 0.25
C GLY A 74 -7.72 37.86 -1.08
N PRO A 75 -7.58 39.18 -1.22
CA PRO A 75 -7.90 39.85 -2.48
C PRO A 75 -7.14 39.32 -3.70
N VAL A 76 -5.89 38.90 -3.49
CA VAL A 76 -5.07 38.40 -4.58
C VAL A 76 -5.48 37.02 -5.09
N VAL A 77 -5.92 36.15 -4.19
CA VAL A 77 -6.32 34.80 -4.56
C VAL A 77 -7.80 34.70 -4.96
N ARG A 78 -8.60 35.68 -4.55
CA ARG A 78 -10.03 35.67 -4.83
C ARG A 78 -10.43 35.40 -6.28
N PRO A 79 -9.69 35.96 -7.25
CA PRO A 79 -10.00 35.73 -8.68
C PRO A 79 -10.11 34.25 -9.06
N LEU A 80 -9.31 33.41 -8.41
CA LEU A 80 -9.34 31.98 -8.71
C LEU A 80 -10.69 31.40 -8.30
N PHE A 81 -11.21 31.84 -7.16
CA PHE A 81 -12.51 31.38 -6.68
C PHE A 81 -13.62 31.86 -7.60
N GLU A 82 -13.49 33.10 -8.08
CA GLU A 82 -14.49 33.67 -8.97
C GLU A 82 -14.54 32.95 -10.31
N LYS A 83 -13.37 32.56 -10.83
CA LYS A 83 -13.31 31.85 -12.10
C LYS A 83 -13.83 30.43 -11.94
N ALA A 84 -13.56 29.82 -10.79
CA ALA A 84 -14.02 28.46 -10.54
C ALA A 84 -15.54 28.42 -10.56
N ALA A 85 -16.16 29.43 -9.95
CA ALA A 85 -17.62 29.51 -9.91
C ALA A 85 -18.18 29.82 -11.30
N GLU A 86 -17.49 30.69 -12.03
CA GLU A 86 -17.92 31.08 -13.37
C GLU A 86 -17.96 29.90 -14.32
N LEU A 87 -16.86 29.14 -14.36
CA LEU A 87 -16.77 28.01 -15.27
C LEU A 87 -17.28 26.68 -14.74
N GLY A 88 -17.69 26.65 -13.47
CA GLY A 88 -18.21 25.43 -12.89
C GLY A 88 -17.15 24.36 -12.69
N ILE A 89 -16.04 24.74 -12.08
CA ILE A 89 -14.97 23.79 -11.83
C ILE A 89 -14.36 24.04 -10.45
N GLY A 90 -14.50 23.06 -9.57
CA GLY A 90 -13.96 23.19 -8.23
C GLY A 90 -12.48 22.90 -8.23
N PHE A 91 -11.84 23.04 -7.07
CA PHE A 91 -10.41 22.76 -7.00
C PHE A 91 -9.91 22.45 -5.59
N ASN A 92 -8.72 21.85 -5.55
CA ASN A 92 -8.05 21.52 -4.29
C ASN A 92 -6.82 22.41 -4.32
N LEU A 93 -6.73 23.34 -3.36
CA LEU A 93 -5.59 24.25 -3.29
C LEU A 93 -4.77 24.08 -2.02
N GLY A 94 -3.46 23.92 -2.19
CA GLY A 94 -2.58 23.79 -1.04
C GLY A 94 -1.93 25.13 -0.74
N TYR A 95 -1.73 25.42 0.53
CA TYR A 95 -1.11 26.68 0.92
C TYR A 95 -0.64 26.61 2.36
N ALA A 96 0.20 27.55 2.76
CA ALA A 96 0.72 27.62 4.11
C ALA A 96 -0.25 28.49 4.91
N GLU A 97 -0.79 27.94 5.98
CA GLU A 97 -1.77 28.64 6.80
C GLU A 97 -1.23 29.18 8.12
N LEU A 98 -1.39 30.48 8.32
CA LEU A 98 -0.95 31.12 9.56
C LEU A 98 -2.18 31.63 10.30
N VAL A 99 -2.38 31.12 11.51
CA VAL A 99 -3.51 31.51 12.33
C VAL A 99 -3.01 32.11 13.64
N VAL A 100 -3.68 33.15 14.12
CA VAL A 100 -3.28 33.79 15.36
C VAL A 100 -4.37 33.59 16.41
N GLU A 101 -4.05 32.87 17.47
CA GLU A 101 -5.01 32.59 18.52
C GLU A 101 -4.57 33.23 19.83
N GLY A 102 -5.29 34.26 20.27
CA GLY A 102 -4.93 34.93 21.50
C GLY A 102 -3.48 35.36 21.48
N GLY A 103 -3.05 35.88 20.33
CA GLY A 103 -1.68 36.35 20.18
C GLY A 103 -0.66 35.26 19.89
N VAL A 104 -1.11 34.02 19.80
CA VAL A 104 -0.22 32.90 19.53
C VAL A 104 -0.35 32.44 18.09
N LYS A 105 0.79 32.29 17.40
CA LYS A 105 0.78 31.87 16.01
C LYS A 105 0.70 30.36 15.85
N ARG A 106 -0.19 29.92 14.97
CA ARG A 106 -0.35 28.50 14.66
C ARG A 106 -0.01 28.37 13.18
N ARG A 107 0.82 27.39 12.84
CA ARG A 107 1.23 27.18 11.46
C ARG A 107 0.88 25.79 10.95
N PHE A 108 0.25 25.72 9.79
CA PHE A 108 -0.14 24.45 9.19
C PHE A 108 0.17 24.40 7.69
N ASN A 109 0.41 23.18 7.19
CA ASN A 109 0.62 22.94 5.78
C ASN A 109 -0.80 22.51 5.45
N THR A 110 -1.52 23.36 4.71
CA THR A 110 -2.94 23.14 4.46
C THR A 110 -3.43 22.97 3.03
N SER A 111 -4.62 22.39 2.90
CA SER A 111 -5.27 22.20 1.61
C SER A 111 -6.78 22.33 1.81
N ILE A 112 -7.44 22.97 0.85
CA ILE A 112 -8.89 23.14 0.93
C ILE A 112 -9.54 22.63 -0.34
N LEU A 113 -10.80 22.22 -0.20
CA LEU A 113 -11.59 21.74 -1.31
C LEU A 113 -12.62 22.83 -1.60
N VAL A 114 -12.68 23.26 -2.85
CA VAL A 114 -13.63 24.28 -3.27
C VAL A 114 -14.54 23.65 -4.32
N ASP A 115 -15.84 23.78 -4.18
CA ASP A 115 -16.75 23.17 -5.17
C ASP A 115 -16.93 24.02 -6.42
N LYS A 116 -17.69 23.50 -7.38
CA LYS A 116 -17.89 24.21 -8.63
C LYS A 116 -18.68 25.52 -8.52
N SER A 117 -19.05 25.87 -7.29
CA SER A 117 -19.76 27.12 -7.06
C SER A 117 -18.78 28.12 -6.43
N GLY A 118 -17.53 27.67 -6.26
CA GLY A 118 -16.51 28.53 -5.68
C GLY A 118 -16.58 28.65 -4.17
N LYS A 119 -17.28 27.73 -3.53
CA LYS A 119 -17.40 27.77 -2.08
C LYS A 119 -16.48 26.76 -1.42
N ILE A 120 -15.86 27.15 -0.31
CA ILE A 120 -14.97 26.25 0.41
C ILE A 120 -15.84 25.23 1.14
N VAL A 121 -15.65 23.96 0.84
CA VAL A 121 -16.45 22.91 1.45
C VAL A 121 -15.65 21.96 2.33
N GLY A 122 -14.35 22.22 2.48
CA GLY A 122 -13.54 21.34 3.32
C GLY A 122 -12.09 21.77 3.46
N LYS A 123 -11.49 21.40 4.60
CA LYS A 123 -10.10 21.72 4.86
C LYS A 123 -9.38 20.52 5.47
N TYR A 124 -8.09 20.43 5.23
CA TYR A 124 -7.25 19.37 5.78
C TYR A 124 -5.89 19.96 6.10
N ARG A 125 -5.28 19.52 7.19
CA ARG A 125 -3.97 20.00 7.60
C ARG A 125 -3.02 18.81 7.69
N LYS A 126 -1.91 18.89 6.96
CA LYS A 126 -0.91 17.82 6.88
C LYS A 126 -0.55 17.22 8.23
N ILE A 127 -0.80 15.92 8.36
CA ILE A 127 -0.52 15.21 9.60
C ILE A 127 0.87 14.57 9.63
N HIS A 128 1.33 14.08 8.49
CA HIS A 128 2.65 13.47 8.44
C HIS A 128 3.67 14.46 7.90
N LEU A 129 4.42 15.09 8.80
CA LEU A 129 5.43 16.07 8.43
C LEU A 129 6.77 15.34 8.32
N PRO A 130 7.37 15.35 7.11
CA PRO A 130 8.63 14.69 6.85
C PRO A 130 9.84 15.58 7.11
N GLY A 131 11.02 15.03 6.87
CA GLY A 131 12.25 15.79 7.05
C GLY A 131 12.92 15.69 8.40
N HIS A 132 13.68 16.72 8.73
CA HIS A 132 14.41 16.78 9.99
C HIS A 132 13.97 18.00 10.80
N LYS A 133 14.45 18.09 12.05
CA LYS A 133 14.06 19.20 12.90
C LYS A 133 15.08 20.32 13.07
N GLU A 134 16.36 20.00 12.91
CA GLU A 134 17.41 21.01 13.05
C GLU A 134 18.19 21.21 11.77
N TYR A 135 18.88 22.35 11.69
CA TYR A 135 19.70 22.65 10.53
C TYR A 135 20.78 21.59 10.39
N GLU A 136 20.96 21.08 9.18
CA GLU A 136 21.98 20.07 8.90
C GLU A 136 22.87 20.62 7.79
N ALA A 137 24.06 21.06 8.19
CA ALA A 137 25.03 21.67 7.29
C ALA A 137 25.40 20.94 5.99
N TYR A 138 25.46 19.62 6.04
CA TYR A 138 25.85 18.87 4.84
C TYR A 138 24.84 18.90 3.69
N ARG A 139 23.58 19.17 4.00
CA ARG A 139 22.52 19.18 2.99
C ARG A 139 22.57 20.34 2.00
N PRO A 140 22.38 20.05 0.70
CA PRO A 140 22.39 21.10 -0.32
C PRO A 140 21.14 21.97 -0.15
N PHE A 141 20.12 21.37 0.46
CA PHE A 141 18.86 22.04 0.76
C PHE A 141 18.26 21.33 1.96
N GLN A 142 17.56 22.07 2.81
CA GLN A 142 16.95 21.48 4.01
C GLN A 142 15.53 21.03 3.72
N HIS A 143 14.90 20.43 4.73
CA HIS A 143 13.51 20.01 4.65
C HIS A 143 13.02 20.11 6.09
N LEU A 144 12.76 21.34 6.49
CA LEU A 144 12.36 21.66 7.86
C LEU A 144 10.87 21.87 8.12
N GLU A 145 10.03 21.01 7.55
CA GLU A 145 8.59 21.13 7.77
C GLU A 145 8.19 20.95 9.24
N LYS A 146 8.92 20.11 9.97
CA LYS A 146 8.61 19.88 11.37
C LYS A 146 8.79 21.13 12.20
N ARG A 147 9.60 22.06 11.70
CA ARG A 147 9.84 23.31 12.43
C ARG A 147 8.84 24.39 12.00
N TYR A 148 8.51 24.41 10.72
CA TYR A 148 7.61 25.43 10.18
C TYR A 148 6.12 25.11 10.21
N PHE A 149 5.77 23.88 10.56
CA PHE A 149 4.37 23.48 10.62
C PHE A 149 4.12 22.59 11.83
N GLU A 150 2.87 22.58 12.29
CA GLU A 150 2.43 21.74 13.39
C GLU A 150 1.62 20.63 12.73
N PRO A 151 1.65 19.41 13.30
CA PRO A 151 0.86 18.34 12.66
C PRO A 151 -0.61 18.74 12.65
N GLY A 152 -1.30 18.42 11.56
CA GLY A 152 -2.72 18.77 11.44
C GLY A 152 -3.57 18.30 12.59
N ASP A 153 -4.63 19.07 12.87
CA ASP A 153 -5.54 18.76 13.97
C ASP A 153 -6.96 18.44 13.51
N LEU A 154 -7.15 18.20 12.22
CA LEU A 154 -8.47 17.90 11.68
C LEU A 154 -8.68 16.43 11.33
N GLY A 155 -7.67 15.61 11.58
CA GLY A 155 -7.76 14.20 11.24
C GLY A 155 -7.74 14.07 9.73
N PHE A 156 -8.28 12.96 9.21
CA PHE A 156 -8.34 12.74 7.77
C PHE A 156 -9.82 12.72 7.38
N PRO A 157 -10.43 13.90 7.27
CA PRO A 157 -11.85 14.00 6.92
C PRO A 157 -12.18 13.72 5.46
N VAL A 158 -13.45 13.41 5.21
CA VAL A 158 -13.94 13.17 3.86
C VAL A 158 -15.14 14.10 3.71
N TYR A 159 -15.13 14.90 2.65
CA TYR A 159 -16.19 15.87 2.41
C TYR A 159 -17.00 15.64 1.15
N ASP A 160 -18.22 16.14 1.16
CA ASP A 160 -19.10 16.05 0.00
C ASP A 160 -18.72 17.24 -0.87
N VAL A 161 -18.31 16.97 -2.11
CA VAL A 161 -17.94 18.03 -3.04
C VAL A 161 -18.67 17.76 -4.35
N ASP A 162 -19.76 18.49 -4.57
CA ASP A 162 -20.56 18.32 -5.78
C ASP A 162 -20.92 16.86 -6.07
N ALA A 163 -21.55 16.19 -5.12
CA ALA A 163 -21.96 14.80 -5.29
C ALA A 163 -20.84 13.77 -5.34
N ALA A 164 -19.65 14.17 -4.89
CA ALA A 164 -18.51 13.26 -4.85
C ALA A 164 -17.96 13.31 -3.43
N LYS A 165 -17.62 12.15 -2.88
CA LYS A 165 -17.05 12.09 -1.54
C LYS A 165 -15.54 12.18 -1.74
N MET A 166 -14.96 13.28 -1.29
CA MET A 166 -13.54 13.51 -1.47
C MET A 166 -12.74 13.67 -0.19
N GLY A 167 -11.57 13.04 -0.17
CA GLY A 167 -10.68 13.12 0.97
C GLY A 167 -9.37 13.74 0.51
N MET A 168 -8.68 14.42 1.41
CA MET A 168 -7.42 15.07 1.07
C MET A 168 -6.19 14.51 1.77
N PHE A 169 -5.08 14.50 1.05
CA PHE A 169 -3.80 14.09 1.60
C PHE A 169 -2.86 15.19 1.14
N ILE A 170 -1.74 15.37 1.83
CA ILE A 170 -0.78 16.38 1.40
C ILE A 170 0.59 15.73 1.35
N ALA A 171 1.16 15.73 0.15
CA ALA A 171 2.50 15.19 -0.09
C ALA A 171 2.86 13.90 0.63
N ASN A 172 3.79 14.00 1.59
CA ASN A 172 4.26 12.84 2.35
C ASN A 172 3.12 11.93 2.82
N ASP A 173 1.96 12.50 3.13
CA ASP A 173 0.82 11.70 3.58
C ASP A 173 0.51 10.51 2.66
N ARG A 174 0.71 10.69 1.36
CA ARG A 174 0.39 9.64 0.41
C ARG A 174 1.17 8.35 0.59
N ARG A 175 2.25 8.40 1.35
CA ARG A 175 3.09 7.23 1.59
C ARG A 175 2.65 6.42 2.80
N TRP A 176 1.69 6.94 3.56
CA TRP A 176 1.22 6.26 4.76
C TRP A 176 -0.12 5.58 4.55
N PRO A 177 -0.15 4.23 4.61
CA PRO A 177 -1.40 3.52 4.42
C PRO A 177 -2.51 3.94 5.38
N GLU A 178 -2.13 4.42 6.56
CA GLU A 178 -3.12 4.85 7.55
C GLU A 178 -3.96 6.01 7.06
N ALA A 179 -3.34 6.98 6.40
CA ALA A 179 -4.04 8.15 5.89
C ALA A 179 -5.10 7.68 4.89
N TRP A 180 -4.68 6.87 3.93
CA TRP A 180 -5.58 6.34 2.92
C TRP A 180 -6.72 5.54 3.54
N ARG A 181 -6.37 4.65 4.45
CA ARG A 181 -7.36 3.78 5.09
C ARG A 181 -8.44 4.52 5.87
N VAL A 182 -8.05 5.54 6.64
CA VAL A 182 -9.05 6.28 7.40
C VAL A 182 -10.05 6.89 6.43
N MET A 183 -9.56 7.48 5.34
CA MET A 183 -10.47 8.10 4.37
C MET A 183 -11.26 7.03 3.63
N GLY A 184 -10.66 5.87 3.44
CA GLY A 184 -11.35 4.78 2.77
C GLY A 184 -12.51 4.31 3.63
N LEU A 185 -12.28 4.24 4.94
CA LEU A 185 -13.29 3.81 5.88
C LEU A 185 -14.42 4.84 5.98
N ARG A 186 -14.12 6.08 5.62
CA ARG A 186 -15.10 7.15 5.64
C ARG A 186 -15.83 7.24 4.30
N GLY A 187 -15.55 6.29 3.41
CA GLY A 187 -16.21 6.24 2.11
C GLY A 187 -15.73 7.14 1.00
N ALA A 188 -14.50 7.63 1.08
CA ALA A 188 -13.97 8.49 0.03
C ALA A 188 -14.03 7.81 -1.34
N GLU A 189 -14.48 8.55 -2.36
CA GLU A 189 -14.55 8.02 -3.72
C GLU A 189 -13.36 8.58 -4.50
N ILE A 190 -12.86 9.72 -4.06
CA ILE A 190 -11.69 10.36 -4.66
C ILE A 190 -10.81 10.84 -3.51
N ILE A 191 -9.53 10.49 -3.58
CA ILE A 191 -8.56 10.91 -2.56
C ILE A 191 -7.53 11.70 -3.35
N CYS A 192 -7.38 12.99 -3.03
CA CYS A 192 -6.47 13.82 -3.80
C CYS A 192 -5.61 14.79 -3.00
N GLY A 193 -4.56 15.27 -3.65
CA GLY A 193 -3.65 16.19 -3.00
C GLY A 193 -2.49 16.54 -3.90
N GLY A 194 -1.52 17.27 -3.36
CA GLY A 194 -0.36 17.69 -4.13
C GLY A 194 0.96 17.38 -3.43
N TYR A 195 2.07 17.70 -4.07
CA TYR A 195 3.35 17.39 -3.47
C TYR A 195 4.54 18.16 -4.03
N ASN A 196 5.55 18.31 -3.18
CA ASN A 196 6.83 18.94 -3.51
C ASN A 196 7.80 17.87 -3.08
N THR A 197 8.24 17.05 -4.03
CA THR A 197 9.14 15.95 -3.74
C THR A 197 10.46 16.05 -4.48
N PRO A 198 11.53 16.45 -3.77
CA PRO A 198 12.84 16.57 -4.42
C PRO A 198 13.27 15.20 -4.95
N THR A 199 13.94 15.18 -6.10
CA THR A 199 14.39 13.91 -6.66
C THR A 199 15.71 13.48 -6.01
N HIS A 200 16.17 14.28 -5.06
CA HIS A 200 17.37 13.97 -4.29
C HIS A 200 17.03 14.01 -2.80
N ASN A 201 17.46 13.01 -2.05
CA ASN A 201 17.22 12.99 -0.62
C ASN A 201 18.58 12.84 0.05
N PRO A 202 19.11 13.94 0.62
CA PRO A 202 20.41 13.95 1.29
C PRO A 202 20.76 12.77 2.21
N PRO A 203 19.87 12.41 3.14
CA PRO A 203 20.20 11.28 4.04
C PRO A 203 20.18 9.90 3.40
N VAL A 204 19.41 9.73 2.32
CA VAL A 204 19.34 8.43 1.66
C VAL A 204 19.40 8.60 0.15
N PRO A 205 20.55 9.10 -0.36
CA PRO A 205 20.72 9.31 -1.80
C PRO A 205 20.62 8.04 -2.63
N GLN A 206 20.78 6.88 -1.99
CA GLN A 206 20.72 5.63 -2.72
C GLN A 206 19.31 5.30 -3.20
N HIS A 207 18.34 6.13 -2.84
CA HIS A 207 16.96 5.92 -3.29
C HIS A 207 16.56 6.97 -4.31
N ASP A 208 17.47 7.88 -4.66
CA ASP A 208 17.16 8.95 -5.61
C ASP A 208 16.57 8.48 -6.92
N HIS A 209 17.13 7.42 -7.51
CA HIS A 209 16.63 6.92 -8.78
C HIS A 209 15.28 6.23 -8.68
N LEU A 210 14.77 6.10 -7.46
CA LEU A 210 13.48 5.45 -7.22
C LEU A 210 12.39 6.47 -6.86
N THR A 211 12.71 7.76 -6.98
CA THR A 211 11.74 8.78 -6.63
C THR A 211 10.38 8.64 -7.33
N SER A 212 10.40 8.47 -8.65
CA SER A 212 9.15 8.30 -9.37
C SER A 212 8.47 7.00 -8.94
N PHE A 213 9.27 5.93 -8.88
CA PHE A 213 8.76 4.62 -8.48
C PHE A 213 8.01 4.66 -7.15
N HIS A 214 8.63 5.25 -6.13
CA HIS A 214 8.01 5.32 -4.81
C HIS A 214 6.75 6.18 -4.78
N HIS A 215 6.75 7.25 -5.55
CA HIS A 215 5.62 8.16 -5.61
C HIS A 215 4.42 7.44 -6.27
N LEU A 216 4.65 6.87 -7.44
CA LEU A 216 3.58 6.18 -8.15
C LEU A 216 3.10 4.93 -7.42
N LEU A 217 4.04 4.21 -6.79
CA LEU A 217 3.69 3.00 -6.05
C LEU A 217 2.72 3.36 -4.93
N SER A 218 2.99 4.48 -4.26
CA SER A 218 2.13 4.92 -3.15
C SER A 218 0.74 5.28 -3.65
N MET A 219 0.65 5.96 -4.79
CA MET A 219 -0.66 6.35 -5.32
C MET A 219 -1.45 5.15 -5.81
N GLN A 220 -0.78 4.25 -6.53
CA GLN A 220 -1.45 3.07 -7.06
C GLN A 220 -1.96 2.13 -5.96
N ALA A 221 -1.12 1.86 -4.98
CA ALA A 221 -1.51 0.97 -3.88
C ALA A 221 -2.63 1.57 -3.05
N GLY A 222 -2.53 2.85 -2.72
CA GLY A 222 -3.56 3.50 -1.93
C GLY A 222 -4.91 3.44 -2.62
N SER A 223 -4.93 3.72 -3.92
CA SER A 223 -6.17 3.68 -4.69
C SER A 223 -6.76 2.28 -4.71
N TYR A 224 -5.94 1.30 -5.12
CA TYR A 224 -6.39 -0.08 -5.20
C TYR A 224 -6.95 -0.63 -3.89
N GLN A 225 -6.16 -0.55 -2.83
CA GLN A 225 -6.56 -1.12 -1.55
C GLN A 225 -7.74 -0.43 -0.86
N ASN A 226 -8.13 0.75 -1.36
CA ASN A 226 -9.26 1.47 -0.80
C ASN A 226 -10.36 1.67 -1.84
N GLY A 227 -10.13 1.13 -3.04
CA GLY A 227 -11.11 1.27 -4.11
C GLY A 227 -11.48 2.72 -4.35
N ALA A 228 -10.48 3.58 -4.36
CA ALA A 228 -10.73 5.00 -4.56
C ALA A 228 -9.98 5.58 -5.75
N TRP A 229 -10.60 6.54 -6.43
CA TRP A 229 -9.93 7.23 -7.52
C TRP A 229 -8.98 8.15 -6.75
N SER A 230 -7.83 8.49 -7.34
CA SER A 230 -6.93 9.41 -6.65
C SER A 230 -6.25 10.31 -7.66
N ALA A 231 -5.67 11.39 -7.18
CA ALA A 231 -4.98 12.34 -8.03
C ALA A 231 -3.90 13.02 -7.22
N ALA A 232 -2.73 13.19 -7.81
CA ALA A 232 -1.61 13.83 -7.14
C ALA A 232 -1.05 14.90 -8.06
N ALA A 233 -1.05 16.14 -7.59
CA ALA A 233 -0.55 17.26 -8.37
C ALA A 233 0.78 17.72 -7.80
N GLY A 234 1.85 17.55 -8.58
CA GLY A 234 3.13 17.98 -8.07
C GLY A 234 3.55 19.34 -8.57
N LYS A 235 4.47 19.97 -7.83
CA LYS A 235 5.05 21.23 -8.26
C LYS A 235 6.42 20.67 -8.61
N ALA A 236 6.72 20.66 -9.90
CA ALA A 236 7.96 20.09 -10.43
C ALA A 236 8.94 21.08 -11.03
N GLY A 237 10.09 20.56 -11.43
CA GLY A 237 11.11 21.39 -12.05
C GLY A 237 12.20 21.87 -11.13
N MET A 238 13.13 22.64 -11.71
CA MET A 238 14.25 23.18 -10.94
C MET A 238 13.81 24.44 -10.21
N GLU A 239 13.43 24.28 -8.95
CA GLU A 239 12.97 25.40 -8.13
C GLU A 239 14.02 25.79 -7.12
N GLU A 240 14.56 27.01 -7.27
CA GLU A 240 15.58 27.52 -6.36
C GLU A 240 16.73 26.53 -6.18
N ASN A 241 17.23 26.00 -7.29
CA ASN A 241 18.34 25.06 -7.32
C ASN A 241 18.04 23.63 -6.86
N CYS A 242 16.77 23.32 -6.61
CA CYS A 242 16.40 21.97 -6.18
C CYS A 242 15.44 21.36 -7.20
N MET A 243 15.82 20.21 -7.77
CA MET A 243 14.97 19.55 -8.75
C MET A 243 13.81 18.82 -8.08
N LEU A 244 12.59 19.16 -8.48
CA LEU A 244 11.40 18.55 -7.92
C LEU A 244 10.74 17.58 -8.89
N LEU A 245 10.19 16.50 -8.34
CA LEU A 245 9.54 15.45 -9.13
C LEU A 245 8.25 15.86 -9.83
N GLY A 246 8.10 15.38 -11.06
CA GLY A 246 6.89 15.64 -11.83
C GLY A 246 6.03 14.40 -11.70
N HIS A 247 5.65 13.81 -12.83
CA HIS A 247 4.81 12.61 -12.82
C HIS A 247 3.54 12.77 -12.00
N SER A 248 2.87 13.91 -12.20
CA SER A 248 1.60 14.16 -11.54
C SER A 248 0.69 13.12 -12.17
N CYS A 249 -0.31 12.65 -11.43
CA CYS A 249 -1.15 11.59 -11.96
C CYS A 249 -2.58 11.53 -11.48
N ILE A 250 -3.39 10.77 -12.22
CA ILE A 250 -4.78 10.50 -11.87
C ILE A 250 -4.80 8.97 -11.91
N VAL A 251 -5.35 8.36 -10.87
CA VAL A 251 -5.38 6.91 -10.75
C VAL A 251 -6.79 6.37 -10.51
N ALA A 252 -7.09 5.24 -11.15
CA ALA A 252 -8.40 4.60 -11.01
C ALA A 252 -8.46 3.79 -9.71
N PRO A 253 -9.67 3.40 -9.27
CA PRO A 253 -9.80 2.62 -8.04
C PRO A 253 -9.16 1.23 -8.08
N THR A 254 -8.69 0.85 -9.26
CA THR A 254 -8.01 -0.42 -9.47
C THR A 254 -6.51 -0.23 -9.30
N GLY A 255 -6.08 1.01 -9.14
CA GLY A 255 -4.66 1.30 -8.99
C GLY A 255 -4.02 1.62 -10.34
N GLU A 256 -4.82 1.56 -11.39
CA GLU A 256 -4.32 1.84 -12.74
C GLU A 256 -4.12 3.34 -12.96
N ILE A 257 -2.96 3.72 -13.46
CA ILE A 257 -2.70 5.13 -13.74
C ILE A 257 -3.40 5.46 -15.06
N VAL A 258 -4.37 6.36 -15.02
CA VAL A 258 -5.11 6.72 -16.22
C VAL A 258 -4.64 7.99 -16.90
N ALA A 259 -3.82 8.78 -16.21
CA ALA A 259 -3.28 10.02 -16.77
C ALA A 259 -1.99 10.35 -16.04
N LEU A 260 -0.98 10.82 -16.78
CA LEU A 260 0.32 11.14 -16.21
C LEU A 260 0.95 12.32 -16.94
N THR A 261 1.57 13.24 -16.20
CA THR A 261 2.22 14.38 -16.84
C THR A 261 3.60 13.96 -17.32
N THR A 262 4.09 14.61 -18.37
CA THR A 262 5.41 14.28 -18.90
C THR A 262 6.39 15.45 -18.92
N THR A 263 5.92 16.64 -18.54
CA THR A 263 6.81 17.80 -18.51
C THR A 263 7.08 18.14 -17.04
N LEU A 264 7.90 19.18 -16.82
CA LEU A 264 8.22 19.63 -15.48
C LEU A 264 7.76 21.10 -15.37
N GLU A 265 6.75 21.44 -16.15
CA GLU A 265 6.20 22.80 -16.17
C GLU A 265 4.71 22.76 -15.85
N ASP A 266 4.04 23.92 -15.88
CA ASP A 266 2.61 23.95 -15.61
C ASP A 266 2.02 23.01 -16.67
N GLU A 267 1.22 22.04 -16.23
CA GLU A 267 0.65 21.08 -17.17
C GLU A 267 -0.67 20.53 -16.66
N VAL A 268 -1.67 20.51 -17.52
CA VAL A 268 -2.99 20.00 -17.15
C VAL A 268 -3.26 18.64 -17.77
N ILE A 269 -3.70 17.69 -16.95
CA ILE A 269 -4.06 16.37 -17.43
C ILE A 269 -5.48 16.13 -16.93
N THR A 270 -6.26 15.36 -17.66
CA THR A 270 -7.63 15.07 -17.25
C THR A 270 -7.97 13.61 -17.45
N ALA A 271 -9.05 13.16 -16.81
CA ALA A 271 -9.50 11.79 -16.93
C ALA A 271 -10.97 11.69 -16.53
N ALA A 272 -11.71 10.87 -17.26
CA ALA A 272 -13.13 10.66 -16.97
C ALA A 272 -13.22 9.80 -15.72
N VAL A 273 -14.04 10.24 -14.76
CA VAL A 273 -14.23 9.53 -13.50
C VAL A 273 -15.66 9.06 -13.28
N ASP A 274 -15.82 7.77 -13.04
CA ASP A 274 -17.13 7.18 -12.76
C ASP A 274 -17.08 6.79 -11.28
N LEU A 275 -17.81 7.51 -10.46
CA LEU A 275 -17.81 7.25 -9.02
C LEU A 275 -18.28 5.84 -8.64
N ASP A 276 -19.05 5.20 -9.50
CA ASP A 276 -19.51 3.84 -9.19
C ASP A 276 -18.46 2.78 -9.44
N ARG A 277 -17.34 3.17 -10.06
CA ARG A 277 -16.26 2.23 -10.35
C ARG A 277 -15.68 1.71 -9.03
N CYS A 278 -15.77 2.52 -7.99
CA CYS A 278 -15.26 2.16 -6.68
C CYS A 278 -15.87 0.85 -6.18
N ARG A 279 -17.10 0.58 -6.60
CA ARG A 279 -17.80 -0.64 -6.18
C ARG A 279 -17.10 -1.92 -6.63
N GLU A 280 -16.37 -1.88 -7.73
CA GLU A 280 -15.68 -3.07 -8.23
C GLU A 280 -14.73 -3.63 -7.18
N LEU A 281 -14.26 -2.76 -6.29
CA LEU A 281 -13.37 -3.21 -5.23
C LEU A 281 -14.07 -3.24 -3.88
N ARG A 282 -14.80 -2.16 -3.57
CA ARG A 282 -15.47 -2.04 -2.27
C ARG A 282 -16.69 -2.91 -1.99
N GLU A 283 -17.19 -3.61 -2.99
CA GLU A 283 -18.32 -4.50 -2.77
C GLU A 283 -17.85 -5.92 -3.00
N HIS A 284 -16.57 -6.09 -3.35
CA HIS A 284 -16.04 -7.41 -3.62
C HIS A 284 -14.74 -7.77 -2.88
N ILE A 285 -13.59 -7.72 -3.55
CA ILE A 285 -12.35 -8.11 -2.87
C ILE A 285 -12.06 -7.27 -1.63
N PHE A 286 -12.44 -6.00 -1.66
CA PHE A 286 -12.22 -5.13 -0.51
C PHE A 286 -13.53 -4.67 0.11
N ASN A 287 -14.45 -5.61 0.29
CA ASN A 287 -15.72 -5.31 0.94
C ASN A 287 -15.32 -5.29 2.42
N PHE A 288 -15.02 -4.10 2.93
CA PHE A 288 -14.58 -3.93 4.31
C PHE A 288 -15.39 -4.67 5.36
N LYS A 289 -16.68 -4.37 5.44
CA LYS A 289 -17.55 -4.99 6.42
C LYS A 289 -17.49 -6.51 6.43
N GLN A 290 -17.39 -7.11 5.24
CA GLN A 290 -17.37 -8.55 5.13
C GLN A 290 -16.02 -9.24 5.33
N HIS A 291 -14.92 -8.53 5.09
CA HIS A 291 -13.59 -9.13 5.20
C HIS A 291 -12.66 -8.65 6.31
N ARG A 292 -12.73 -7.36 6.67
CA ARG A 292 -11.84 -6.85 7.70
C ARG A 292 -12.06 -7.46 9.08
N GLN A 293 -10.98 -7.53 9.86
CA GLN A 293 -10.99 -8.08 11.20
C GLN A 293 -10.31 -7.06 12.10
N PRO A 294 -10.93 -5.89 12.28
CA PRO A 294 -10.38 -4.82 13.12
C PRO A 294 -9.95 -5.19 14.52
N GLN A 295 -10.53 -6.25 15.08
CA GLN A 295 -10.15 -6.67 16.43
C GLN A 295 -8.68 -7.05 16.49
N HIS A 296 -8.07 -7.28 15.33
CA HIS A 296 -6.67 -7.64 15.28
C HIS A 296 -5.76 -6.53 14.75
N TYR A 297 -6.33 -5.33 14.56
CA TYR A 297 -5.55 -4.21 14.06
C TYR A 297 -5.25 -3.19 15.15
N GLY A 298 -5.58 -3.50 16.40
CA GLY A 298 -5.35 -2.57 17.49
C GLY A 298 -4.01 -1.87 17.58
N LEU A 299 -2.93 -2.60 17.35
CA LEU A 299 -1.60 -2.03 17.43
C LEU A 299 -1.41 -0.79 16.56
N ILE A 300 -2.10 -0.74 15.43
CA ILE A 300 -1.99 0.39 14.52
C ILE A 300 -2.43 1.71 15.17
N ALA A 301 -3.37 1.62 16.11
CA ALA A 301 -3.88 2.82 16.77
C ALA A 301 -3.26 3.11 18.14
N GLU A 302 -2.33 2.27 18.58
CA GLU A 302 -1.68 2.49 19.87
C GLU A 302 -0.75 3.69 19.83
N LEU A 303 -0.84 4.54 20.84
CA LEU A 303 0.00 5.73 20.92
C LEU A 303 1.41 5.39 21.39
N THR B 1 27.16 -10.01 9.58
CA THR B 1 26.71 -8.79 8.85
C THR B 1 25.20 -8.80 8.65
N ARG B 2 24.52 -9.70 9.37
CA ARG B 2 23.08 -9.83 9.29
C ARG B 2 22.63 -10.09 7.85
N GLN B 3 23.31 -11.03 7.20
CA GLN B 3 22.99 -11.38 5.83
C GLN B 3 22.54 -12.83 5.71
N MET B 4 21.81 -13.11 4.66
CA MET B 4 21.31 -14.46 4.40
C MET B 4 20.86 -14.52 2.95
N ILE B 5 20.52 -15.73 2.49
CA ILE B 5 20.03 -15.90 1.15
C ILE B 5 18.64 -16.50 1.27
N LEU B 6 17.65 -15.76 0.78
CA LEU B 6 16.25 -16.18 0.85
C LEU B 6 15.81 -16.82 -0.45
N ALA B 7 15.00 -17.86 -0.36
CA ALA B 7 14.51 -18.54 -1.54
C ALA B 7 13.00 -18.68 -1.49
N VAL B 8 12.41 -18.84 -2.67
CA VAL B 8 10.98 -19.05 -2.80
C VAL B 8 10.84 -20.31 -3.65
N GLY B 9 9.99 -21.22 -3.19
CA GLY B 9 9.75 -22.45 -3.91
C GLY B 9 8.34 -22.44 -4.46
N GLN B 10 8.19 -21.93 -5.67
CA GLN B 10 6.89 -21.88 -6.32
C GLN B 10 6.49 -23.29 -6.73
N GLN B 11 5.21 -23.61 -6.60
CA GLN B 11 4.73 -24.92 -6.98
C GLN B 11 3.90 -24.85 -8.25
N GLY B 12 3.97 -25.91 -9.03
CA GLY B 12 3.16 -26.03 -10.22
C GLY B 12 1.88 -26.63 -9.66
N PRO B 13 0.89 -26.99 -10.50
CA PRO B 13 -0.36 -27.58 -10.00
C PRO B 13 -0.22 -28.86 -9.18
N ILE B 14 -1.19 -29.08 -8.31
CA ILE B 14 -1.26 -30.30 -7.50
C ILE B 14 -2.64 -30.86 -7.81
N ALA B 15 -2.68 -32.03 -8.42
CA ALA B 15 -3.94 -32.66 -8.78
C ALA B 15 -4.70 -33.17 -7.57
N ARG B 16 -6.02 -33.26 -7.71
CA ARG B 16 -6.87 -33.73 -6.62
C ARG B 16 -6.45 -35.15 -6.21
N ALA B 17 -5.95 -35.91 -7.18
CA ALA B 17 -5.53 -37.28 -6.93
C ALA B 17 -4.07 -37.42 -6.52
N GLU B 18 -3.31 -36.33 -6.62
CA GLU B 18 -1.90 -36.36 -6.25
C GLU B 18 -1.76 -36.51 -4.74
N THR B 19 -0.98 -37.50 -4.32
CA THR B 19 -0.77 -37.80 -2.91
C THR B 19 0.23 -36.89 -2.23
N ARG B 20 0.12 -36.79 -0.91
CA ARG B 20 1.04 -35.97 -0.13
C ARG B 20 2.48 -36.47 -0.30
N GLU B 21 2.63 -37.79 -0.43
CA GLU B 21 3.95 -38.36 -0.62
C GLU B 21 4.57 -37.79 -1.89
N GLN B 22 3.76 -37.71 -2.94
CA GLN B 22 4.23 -37.18 -4.22
C GLN B 22 4.56 -35.69 -4.12
N VAL B 23 3.77 -34.95 -3.34
CA VAL B 23 4.01 -33.53 -3.18
C VAL B 23 5.29 -33.30 -2.38
N VAL B 24 5.51 -34.13 -1.36
CA VAL B 24 6.70 -34.00 -0.53
C VAL B 24 7.97 -34.22 -1.37
N VAL B 25 7.91 -35.14 -2.33
CA VAL B 25 9.06 -35.39 -3.18
C VAL B 25 9.40 -34.09 -3.91
N ARG B 26 8.36 -33.42 -4.42
CA ARG B 26 8.53 -32.16 -5.13
C ARG B 26 9.07 -31.05 -4.24
N LEU B 27 8.58 -31.00 -3.00
CA LEU B 27 9.04 -30.00 -2.05
C LEU B 27 10.50 -30.27 -1.67
N LEU B 28 10.85 -31.54 -1.48
CA LEU B 28 12.22 -31.90 -1.14
C LEU B 28 13.18 -31.50 -2.25
N ASP B 29 12.75 -31.69 -3.49
CA ASP B 29 13.59 -31.33 -4.64
C ASP B 29 13.89 -29.84 -4.65
N MET B 30 12.89 -29.01 -4.41
CA MET B 30 13.10 -27.57 -4.41
C MET B 30 13.95 -27.14 -3.22
N LEU B 31 13.72 -27.73 -2.06
CA LEU B 31 14.49 -27.37 -0.88
C LEU B 31 15.96 -27.71 -1.09
N THR B 32 16.23 -28.84 -1.73
CA THR B 32 17.59 -29.26 -2.01
C THR B 32 18.26 -28.34 -3.03
N LYS B 33 17.53 -27.98 -4.07
CA LYS B 33 18.07 -27.10 -5.10
C LYS B 33 18.34 -25.72 -4.51
N ALA B 34 17.44 -25.26 -3.63
CA ALA B 34 17.61 -23.96 -2.99
C ALA B 34 18.87 -23.96 -2.14
N ALA B 35 19.07 -25.03 -1.36
CA ALA B 35 20.25 -25.13 -0.51
C ALA B 35 21.52 -25.13 -1.35
N SER B 36 21.47 -25.76 -2.52
CA SER B 36 22.63 -25.83 -3.40
C SER B 36 23.02 -24.46 -3.95
N ARG B 37 22.05 -23.55 -3.95
CA ARG B 37 22.27 -22.19 -4.44
C ARG B 37 22.54 -21.24 -3.27
N GLY B 38 22.85 -21.81 -2.10
CA GLY B 38 23.17 -21.02 -0.93
C GLY B 38 22.05 -20.52 -0.03
N ALA B 39 20.80 -20.85 -0.35
CA ALA B 39 19.67 -20.39 0.46
C ALA B 39 19.68 -20.95 1.88
N ASN B 40 19.25 -20.10 2.83
CA ASN B 40 19.18 -20.47 4.24
C ASN B 40 17.72 -20.57 4.70
N PHE B 41 16.79 -20.25 3.80
CA PHE B 41 15.37 -20.30 4.11
C PHE B 41 14.60 -20.34 2.80
N ILE B 42 13.53 -21.12 2.73
CA ILE B 42 12.72 -21.19 1.52
C ILE B 42 11.24 -21.09 1.85
N VAL B 43 10.54 -20.23 1.12
CA VAL B 43 9.11 -20.01 1.31
C VAL B 43 8.31 -20.87 0.34
N PHE B 44 7.39 -21.66 0.88
CA PHE B 44 6.52 -22.51 0.06
C PHE B 44 5.12 -21.90 0.01
N PRO B 45 4.27 -22.38 -0.91
CA PRO B 45 2.91 -21.84 -1.05
C PRO B 45 1.89 -22.11 0.06
N GLU B 46 0.76 -21.42 -0.08
CA GLU B 46 -0.39 -21.56 0.81
C GLU B 46 -0.97 -22.93 0.45
N LEU B 47 -1.44 -23.68 1.44
CA LEU B 47 -2.01 -25.02 1.21
C LEU B 47 -1.17 -25.77 0.19
N ALA B 48 0.11 -25.90 0.49
CA ALA B 48 1.07 -26.54 -0.40
C ALA B 48 1.10 -28.07 -0.43
N LEU B 49 0.23 -28.72 0.34
CA LEU B 49 0.23 -30.18 0.36
C LEU B 49 -0.91 -30.81 -0.43
N THR B 50 -1.82 -29.99 -0.92
CA THR B 50 -2.98 -30.47 -1.68
C THR B 50 -3.41 -29.53 -2.78
N THR B 51 -4.39 -29.97 -3.56
CA THR B 51 -4.95 -29.15 -4.62
C THR B 51 -5.72 -28.07 -3.85
N PHE B 52 -6.07 -26.98 -4.51
CA PHE B 52 -6.83 -25.93 -3.83
C PHE B 52 -8.30 -26.34 -3.74
N PHE B 53 -8.60 -27.18 -2.77
CA PHE B 53 -9.96 -27.70 -2.58
C PHE B 53 -11.10 -26.70 -2.36
N PRO B 54 -10.80 -25.46 -1.94
CA PRO B 54 -11.92 -24.53 -1.75
C PRO B 54 -12.69 -24.22 -3.03
N ARG B 55 -12.18 -24.68 -4.18
CA ARG B 55 -12.85 -24.43 -5.44
C ARG B 55 -14.08 -25.32 -5.65
N TRP B 56 -14.27 -26.31 -4.77
CA TRP B 56 -15.41 -27.23 -4.89
C TRP B 56 -16.31 -27.19 -3.68
N HIS B 57 -17.57 -27.54 -3.90
CA HIS B 57 -18.55 -27.60 -2.81
C HIS B 57 -18.62 -29.05 -2.37
N PHE B 58 -18.33 -29.31 -1.09
CA PHE B 58 -18.36 -30.66 -0.56
C PHE B 58 -19.62 -30.94 0.24
N THR B 59 -20.18 -32.14 0.06
CA THR B 59 -21.38 -32.55 0.77
C THR B 59 -20.99 -33.65 1.77
N ASP B 60 -19.84 -34.25 1.54
CA ASP B 60 -19.34 -35.31 2.42
C ASP B 60 -18.21 -34.76 3.29
N GLU B 61 -18.43 -34.74 4.60
CA GLU B 61 -17.45 -34.21 5.54
C GLU B 61 -16.15 -35.02 5.56
N ALA B 62 -16.26 -36.32 5.37
CA ALA B 62 -15.08 -37.19 5.37
C ALA B 62 -14.18 -36.81 4.20
N GLU B 63 -14.79 -36.50 3.06
CA GLU B 63 -14.03 -36.13 1.87
C GLU B 63 -13.33 -34.79 2.10
N LEU B 64 -14.05 -33.85 2.73
CA LEU B 64 -13.49 -32.53 3.02
C LEU B 64 -12.31 -32.66 3.99
N ASP B 65 -12.51 -33.44 5.05
CA ASP B 65 -11.48 -33.65 6.07
C ASP B 65 -10.19 -34.23 5.52
N SER B 66 -10.30 -34.98 4.42
CA SER B 66 -9.12 -35.62 3.83
C SER B 66 -8.06 -34.63 3.38
N PHE B 67 -8.46 -33.39 3.15
CA PHE B 67 -7.52 -32.36 2.70
C PHE B 67 -6.82 -31.62 3.83
N TYR B 68 -7.17 -31.95 5.08
CA TYR B 68 -6.57 -31.28 6.24
C TYR B 68 -5.54 -32.12 6.97
N GLU B 69 -4.61 -31.44 7.64
CA GLU B 69 -3.57 -32.11 8.41
C GLU B 69 -4.03 -32.15 9.86
N THR B 70 -3.91 -33.31 10.51
CA THR B 70 -4.31 -33.43 11.90
C THR B 70 -3.09 -33.42 12.82
N GLU B 71 -1.92 -33.34 12.21
CA GLU B 71 -0.66 -33.28 12.93
C GLU B 71 0.38 -32.68 11.98
N MET B 72 1.37 -31.98 12.53
CA MET B 72 2.40 -31.35 11.72
C MET B 72 3.76 -31.35 12.40
N PRO B 73 4.71 -32.15 11.89
CA PRO B 73 4.53 -33.01 10.71
C PRO B 73 4.08 -34.41 11.05
N GLY B 74 3.47 -35.08 10.08
CA GLY B 74 3.05 -36.45 10.26
C GLY B 74 4.14 -37.28 9.61
N PRO B 75 4.02 -38.61 9.58
CA PRO B 75 5.05 -39.45 8.96
C PRO B 75 5.35 -39.09 7.49
N VAL B 76 4.34 -38.65 6.77
CA VAL B 76 4.50 -38.32 5.36
C VAL B 76 5.29 -37.03 5.10
N VAL B 77 5.03 -36.00 5.91
CA VAL B 77 5.71 -34.72 5.74
C VAL B 77 7.05 -34.67 6.49
N ARG B 78 7.23 -35.58 7.44
CA ARG B 78 8.44 -35.67 8.24
C ARG B 78 9.74 -35.49 7.45
N PRO B 79 9.89 -36.19 6.31
CA PRO B 79 11.11 -36.09 5.50
C PRO B 79 11.56 -34.67 5.17
N LEU B 80 10.59 -33.77 4.98
CA LEU B 80 10.91 -32.38 4.66
C LEU B 80 11.60 -31.68 5.82
N PHE B 81 11.13 -31.96 7.04
CA PHE B 81 11.70 -31.36 8.23
C PHE B 81 13.10 -31.89 8.46
N GLU B 82 13.30 -33.18 8.20
CA GLU B 82 14.60 -33.80 8.38
C GLU B 82 15.63 -33.25 7.39
N LYS B 83 15.19 -33.02 6.16
CA LYS B 83 16.10 -32.51 5.14
C LYS B 83 16.42 -31.04 5.42
N ALA B 84 15.46 -30.30 5.96
CA ALA B 84 15.67 -28.90 6.28
C ALA B 84 16.78 -28.80 7.32
N ALA B 85 16.70 -29.64 8.35
CA ALA B 85 17.69 -29.65 9.41
C ALA B 85 19.05 -30.07 8.86
N GLU B 86 19.05 -31.11 8.04
CA GLU B 86 20.28 -31.62 7.46
C GLU B 86 21.06 -30.57 6.67
N LEU B 87 20.36 -29.91 5.74
CA LEU B 87 20.98 -28.91 4.88
C LEU B 87 21.03 -27.50 5.48
N GLY B 88 20.46 -27.33 6.66
CA GLY B 88 20.47 -26.03 7.31
C GLY B 88 19.66 -25.00 6.56
N ILE B 89 18.43 -25.36 6.18
CA ILE B 89 17.57 -24.44 5.46
C ILE B 89 16.16 -24.51 6.04
N GLY B 90 15.73 -23.39 6.61
CA GLY B 90 14.41 -23.32 7.21
C GLY B 90 13.36 -23.13 6.12
N PHE B 91 12.09 -23.14 6.48
CA PHE B 91 11.05 -22.94 5.49
C PHE B 91 9.73 -22.48 6.07
N ASN B 92 8.87 -21.97 5.17
CA ASN B 92 7.54 -21.52 5.53
C ASN B 92 6.63 -22.47 4.75
N LEU B 93 5.85 -23.28 5.46
CA LEU B 93 4.96 -24.23 4.81
C LEU B 93 3.49 -23.93 5.10
N GLY B 94 2.69 -23.91 4.04
CA GLY B 94 1.27 -23.65 4.21
C GLY B 94 0.50 -24.96 4.11
N TYR B 95 -0.56 -25.10 4.90
CA TYR B 95 -1.38 -26.31 4.88
C TYR B 95 -2.72 -26.05 5.56
N ALA B 96 -3.67 -26.98 5.37
CA ALA B 96 -4.98 -26.87 5.98
C ALA B 96 -4.90 -27.60 7.31
N GLU B 97 -5.28 -26.91 8.37
CA GLU B 97 -5.20 -27.45 9.71
C GLU B 97 -6.55 -27.77 10.33
N LEU B 98 -6.67 -28.99 10.87
CA LEU B 98 -7.89 -29.44 11.52
C LEU B 98 -7.55 -29.78 12.96
N VAL B 99 -8.14 -29.06 13.90
CA VAL B 99 -7.89 -29.30 15.31
C VAL B 99 -9.20 -29.28 16.08
N VAL B 100 -9.41 -30.31 16.89
CA VAL B 100 -10.62 -30.41 17.69
C VAL B 100 -10.38 -29.82 19.07
N GLU B 101 -11.15 -28.80 19.41
CA GLU B 101 -11.03 -28.13 20.70
C GLU B 101 -12.42 -27.86 21.26
N GLY B 102 -12.64 -28.25 22.50
CA GLY B 102 -13.92 -28.02 23.14
C GLY B 102 -15.11 -28.54 22.36
N GLY B 103 -14.95 -29.67 21.68
CA GLY B 103 -16.04 -30.24 20.93
C GLY B 103 -16.28 -29.62 19.56
N VAL B 104 -15.37 -28.73 19.16
CA VAL B 104 -15.49 -28.07 17.87
C VAL B 104 -14.38 -28.47 16.92
N LYS B 105 -14.74 -28.81 15.69
CA LYS B 105 -13.74 -29.17 14.69
C LYS B 105 -13.34 -27.84 14.07
N ARG B 106 -12.23 -27.29 14.56
CA ARG B 106 -11.73 -26.02 14.06
C ARG B 106 -10.88 -26.22 12.81
N ARG B 107 -11.16 -25.43 11.79
CA ARG B 107 -10.44 -25.52 10.53
C ARG B 107 -9.76 -24.19 10.23
N PHE B 108 -8.46 -24.25 9.96
CA PHE B 108 -7.70 -23.04 9.66
C PHE B 108 -6.86 -23.20 8.40
N ASN B 109 -6.61 -22.07 7.73
CA ASN B 109 -5.74 -22.02 6.56
C ASN B 109 -4.48 -21.58 7.31
N THR B 110 -3.52 -22.49 7.42
CA THR B 110 -2.34 -22.24 8.23
C THR B 110 -0.97 -22.23 7.56
N SER B 111 0.00 -21.63 8.24
CA SER B 111 1.38 -21.58 7.77
C SER B 111 2.29 -21.62 8.99
N ILE B 112 3.43 -22.31 8.84
CA ILE B 112 4.38 -22.41 9.94
C ILE B 112 5.78 -22.04 9.48
N LEU B 113 6.57 -21.51 10.41
CA LEU B 113 7.95 -21.14 10.13
C LEU B 113 8.80 -22.21 10.82
N VAL B 114 9.71 -22.80 10.07
CA VAL B 114 10.60 -23.83 10.59
C VAL B 114 12.01 -23.29 10.41
N ASP B 115 12.84 -23.35 11.46
CA ASP B 115 14.19 -22.82 11.33
C ASP B 115 15.15 -23.82 10.68
N LYS B 116 16.40 -23.39 10.48
CA LYS B 116 17.40 -24.22 9.85
C LYS B 116 17.79 -25.45 10.65
N SER B 117 17.16 -25.64 11.81
CA SER B 117 17.42 -26.80 12.65
C SER B 117 16.24 -27.77 12.54
N GLY B 118 15.27 -27.41 11.71
CA GLY B 118 14.10 -28.26 11.49
C GLY B 118 13.05 -28.15 12.57
N LYS B 119 13.16 -27.10 13.40
CA LYS B 119 12.21 -26.88 14.49
C LYS B 119 11.14 -25.86 14.15
N ILE B 120 9.92 -26.13 14.55
CA ILE B 120 8.81 -25.20 14.31
C ILE B 120 8.97 -24.05 15.30
N VAL B 121 9.19 -22.85 14.78
CA VAL B 121 9.36 -21.67 15.61
C VAL B 121 8.07 -20.90 15.82
N GLY B 122 7.21 -20.89 14.81
CA GLY B 122 5.97 -20.16 14.95
C GLY B 122 4.88 -20.56 13.97
N LYS B 123 3.65 -20.21 14.33
CA LYS B 123 2.50 -20.53 13.50
C LYS B 123 1.64 -19.28 13.28
N TYR B 124 0.91 -19.28 12.16
CA TYR B 124 0.01 -18.20 11.80
C TYR B 124 -1.21 -18.83 11.12
N ARG B 125 -2.38 -18.27 11.41
CA ARG B 125 -3.63 -18.75 10.82
C ARG B 125 -4.28 -17.58 10.08
N LYS B 126 -4.53 -17.81 8.80
CA LYS B 126 -5.12 -16.80 7.91
C LYS B 126 -6.28 -16.03 8.52
N ILE B 127 -6.11 -14.72 8.66
CA ILE B 127 -7.13 -13.86 9.23
C ILE B 127 -8.11 -13.33 8.19
N HIS B 128 -7.62 -13.02 7.00
CA HIS B 128 -8.51 -12.52 5.95
C HIS B 128 -8.90 -13.65 4.99
N LEU B 129 -10.08 -14.22 5.22
CA LEU B 129 -10.57 -15.29 4.37
C LEU B 129 -11.40 -14.66 3.25
N PRO B 130 -10.97 -14.83 2.00
CA PRO B 130 -11.69 -14.26 0.87
C PRO B 130 -12.76 -15.21 0.35
N GLY B 131 -13.44 -14.79 -0.72
CA GLY B 131 -14.45 -15.64 -1.31
C GLY B 131 -15.83 -15.55 -0.70
N HIS B 132 -16.45 -16.71 -0.55
CA HIS B 132 -17.81 -16.79 -0.03
C HIS B 132 -18.03 -18.00 0.88
N LYS B 133 -19.21 -18.09 1.48
CA LYS B 133 -19.54 -19.17 2.39
C LYS B 133 -20.52 -20.19 1.82
N GLU B 134 -21.33 -19.77 0.86
CA GLU B 134 -22.31 -20.67 0.26
C GLU B 134 -22.08 -20.84 -1.24
N TYR B 135 -22.45 -22.01 -1.76
CA TYR B 135 -22.30 -22.29 -3.18
C TYR B 135 -22.94 -21.18 -4.00
N GLU B 136 -22.24 -20.71 -5.02
CA GLU B 136 -22.76 -19.65 -5.89
C GLU B 136 -22.70 -20.15 -7.34
N ALA B 137 -23.87 -20.44 -7.90
CA ALA B 137 -24.00 -20.96 -9.25
C ALA B 137 -23.37 -20.17 -10.39
N TYR B 138 -23.33 -18.85 -10.29
CA TYR B 138 -22.78 -18.03 -11.37
C TYR B 138 -21.27 -18.17 -11.52
N ARG B 139 -20.60 -18.79 -10.56
CA ARG B 139 -19.15 -18.96 -10.62
C ARG B 139 -18.75 -20.22 -11.39
N PRO B 140 -17.72 -20.12 -12.24
CA PRO B 140 -17.25 -21.28 -13.01
C PRO B 140 -16.53 -22.25 -12.07
N PHE B 141 -16.05 -21.70 -10.96
CA PHE B 141 -15.37 -22.46 -9.91
C PHE B 141 -15.59 -21.66 -8.64
N GLN B 142 -15.69 -22.36 -7.50
CA GLN B 142 -15.95 -21.70 -6.23
C GLN B 142 -14.69 -21.24 -5.52
N HIS B 143 -14.90 -20.51 -4.42
CA HIS B 143 -13.80 -20.05 -3.57
C HIS B 143 -14.40 -19.99 -2.18
N LEU B 144 -14.74 -21.16 -1.68
CA LEU B 144 -15.39 -21.31 -0.39
C LEU B 144 -14.50 -21.30 0.85
N GLU B 145 -13.53 -20.39 0.89
CA GLU B 145 -12.65 -20.31 2.05
C GLU B 145 -13.40 -19.94 3.33
N LYS B 146 -14.42 -19.10 3.21
CA LYS B 146 -15.18 -18.70 4.38
C LYS B 146 -15.99 -19.88 4.93
N ARG B 147 -16.22 -20.87 4.08
CA ARG B 147 -16.97 -22.06 4.48
C ARG B 147 -16.06 -23.12 5.09
N TYR B 148 -14.86 -23.27 4.52
CA TYR B 148 -13.92 -24.29 4.95
C TYR B 148 -12.88 -23.89 6.00
N PHE B 149 -12.87 -22.62 6.39
CA PHE B 149 -11.92 -22.14 7.39
C PHE B 149 -12.59 -21.06 8.23
N GLU B 150 -12.05 -20.84 9.44
CA GLU B 150 -12.55 -19.77 10.30
C GLU B 150 -11.36 -18.82 10.42
N PRO B 151 -11.63 -17.52 10.62
CA PRO B 151 -10.54 -16.54 10.73
C PRO B 151 -9.51 -16.95 11.79
N GLY B 152 -8.24 -16.73 11.47
CA GLY B 152 -7.17 -17.08 12.39
C GLY B 152 -7.35 -16.50 13.78
N ASP B 153 -6.79 -17.19 14.78
CA ASP B 153 -6.89 -16.76 16.16
C ASP B 153 -5.54 -16.47 16.82
N LEU B 154 -4.53 -16.17 16.01
CA LEU B 154 -3.20 -15.90 16.55
C LEU B 154 -2.73 -14.47 16.29
N GLY B 155 -3.58 -13.67 15.65
CA GLY B 155 -3.22 -12.31 15.32
C GLY B 155 -2.15 -12.35 14.23
N PHE B 156 -1.35 -11.29 14.13
CA PHE B 156 -0.27 -11.23 13.14
C PHE B 156 1.05 -11.18 13.90
N PRO B 157 1.54 -12.34 14.37
CA PRO B 157 2.80 -12.41 15.12
C PRO B 157 4.07 -12.30 14.29
N VAL B 158 5.15 -11.90 14.95
CA VAL B 158 6.45 -11.80 14.32
C VAL B 158 7.36 -12.68 15.18
N TYR B 159 8.06 -13.61 14.54
CA TYR B 159 8.93 -14.53 15.26
C TYR B 159 10.40 -14.39 14.93
N ASP B 160 11.24 -14.85 15.85
CA ASP B 160 12.67 -14.83 15.65
C ASP B 160 13.02 -16.15 14.98
N VAL B 161 13.44 -16.10 13.73
CA VAL B 161 13.79 -17.30 12.99
C VAL B 161 15.24 -17.17 12.54
N ASP B 162 16.13 -17.89 13.21
CA ASP B 162 17.55 -17.84 12.89
C ASP B 162 18.08 -16.41 12.81
N ALA B 163 17.82 -15.62 13.85
CA ALA B 163 18.29 -14.24 13.94
C ALA B 163 17.64 -13.26 12.96
N ALA B 164 16.52 -13.66 12.37
CA ALA B 164 15.79 -12.78 11.46
C ALA B 164 14.38 -12.68 12.02
N LYS B 165 13.84 -11.46 12.07
CA LYS B 165 12.48 -11.25 12.56
C LYS B 165 11.56 -11.50 11.37
N MET B 166 10.77 -12.56 11.43
CA MET B 166 9.89 -12.90 10.33
C MET B 166 8.41 -12.91 10.67
N GLY B 167 7.62 -12.34 9.78
CA GLY B 167 6.18 -12.30 9.97
C GLY B 167 5.56 -13.09 8.82
N MET B 168 4.39 -13.66 9.04
CA MET B 168 3.72 -14.43 8.00
C MET B 168 2.39 -13.84 7.56
N PHE B 169 2.09 -14.02 6.29
CA PHE B 169 0.81 -13.60 5.73
C PHE B 169 0.41 -14.80 4.89
N ILE B 170 -0.87 -14.94 4.59
CA ILE B 170 -1.30 -16.02 3.74
C ILE B 170 -2.21 -15.48 2.64
N ALA B 171 -1.75 -15.65 1.40
CA ALA B 171 -2.49 -15.23 0.21
C ALA B 171 -3.21 -13.88 0.31
N ASN B 172 -4.54 -13.92 0.34
CA ASN B 172 -5.35 -12.70 0.41
C ASN B 172 -4.84 -11.67 1.42
N ASP B 173 -4.24 -12.13 2.52
CA ASP B 173 -3.71 -11.23 3.54
C ASP B 173 -2.79 -10.15 2.96
N ARG B 174 -2.02 -10.51 1.95
CA ARG B 174 -1.07 -9.58 1.36
C ARG B 174 -1.67 -8.31 0.77
N ARG B 175 -2.99 -8.33 0.54
CA ARG B 175 -3.68 -7.19 -0.04
C ARG B 175 -4.18 -6.20 1.01
N TRP B 176 -4.05 -6.56 2.29
CA TRP B 176 -4.53 -5.69 3.36
C TRP B 176 -3.38 -4.97 4.07
N PRO B 177 -3.33 -3.63 3.92
CA PRO B 177 -2.26 -2.87 4.57
C PRO B 177 -2.17 -3.09 6.07
N GLU B 178 -3.31 -3.41 6.70
CA GLU B 178 -3.33 -3.65 8.14
C GLU B 178 -2.46 -4.83 8.56
N ALA B 179 -2.50 -5.92 7.78
CA ALA B 179 -1.70 -7.10 8.09
C ALA B 179 -0.23 -6.73 8.09
N TRP B 180 0.19 -6.07 7.01
CA TRP B 180 1.57 -5.63 6.88
C TRP B 180 2.00 -4.69 7.99
N ARG B 181 1.16 -3.68 8.27
CA ARG B 181 1.49 -2.70 9.29
C ARG B 181 1.62 -3.25 10.71
N VAL B 182 0.75 -4.17 11.09
CA VAL B 182 0.85 -4.75 12.43
C VAL B 182 2.19 -5.45 12.57
N MET B 183 2.59 -6.20 11.54
CA MET B 183 3.86 -6.90 11.61
C MET B 183 5.03 -5.93 11.50
N GLY B 184 4.83 -4.82 10.78
CA GLY B 184 5.87 -3.83 10.66
C GLY B 184 6.11 -3.17 12.01
N LEU B 185 5.02 -2.89 12.71
CA LEU B 185 5.10 -2.28 14.03
C LEU B 185 5.76 -3.22 15.03
N ARG B 186 5.73 -4.51 14.74
CA ARG B 186 6.34 -5.51 15.62
C ARG B 186 7.80 -5.75 15.21
N GLY B 187 8.29 -4.96 14.26
CA GLY B 187 9.67 -5.06 13.83
C GLY B 187 10.06 -6.11 12.80
N ALA B 188 9.08 -6.61 12.04
CA ALA B 188 9.37 -7.62 11.02
C ALA B 188 10.42 -7.13 10.02
N GLU B 189 11.39 -7.99 9.71
CA GLU B 189 12.44 -7.66 8.75
C GLU B 189 12.11 -8.39 7.44
N ILE B 190 11.42 -9.51 7.58
CA ILE B 190 10.99 -10.30 6.44
C ILE B 190 9.53 -10.68 6.68
N ILE B 191 8.69 -10.45 5.67
CA ILE B 191 7.28 -10.78 5.73
C ILE B 191 7.06 -11.72 4.55
N CYS B 192 6.64 -12.95 4.82
CA CYS B 192 6.49 -13.91 3.75
C CYS B 192 5.25 -14.80 3.85
N GLY B 193 4.92 -15.42 2.72
CA GLY B 193 3.76 -16.28 2.67
C GLY B 193 3.56 -16.81 1.26
N GLY B 194 2.47 -17.55 1.06
CA GLY B 194 2.18 -18.11 -0.24
C GLY B 194 0.78 -17.78 -0.70
N TYR B 195 0.42 -18.25 -1.89
CA TYR B 195 -0.90 -17.95 -2.42
C TYR B 195 -1.37 -18.85 -3.54
N ASN B 196 -2.70 -18.92 -3.68
CA ASN B 196 -3.38 -19.65 -4.74
C ASN B 196 -4.32 -18.57 -5.26
N THR B 197 -3.91 -17.92 -6.35
CA THR B 197 -4.68 -16.83 -6.92
C THR B 197 -5.10 -17.10 -8.36
N PRO B 198 -6.36 -17.49 -8.56
CA PRO B 198 -6.85 -17.76 -9.91
C PRO B 198 -6.71 -16.51 -10.76
N THR B 199 -6.39 -16.67 -12.04
CA THR B 199 -6.26 -15.52 -12.92
C THR B 199 -7.61 -15.03 -13.41
N HIS B 200 -8.67 -15.77 -13.06
CA HIS B 200 -10.04 -15.37 -13.40
C HIS B 200 -10.72 -14.94 -12.10
N ASN B 201 -11.39 -13.79 -12.16
CA ASN B 201 -12.08 -13.17 -11.04
C ASN B 201 -13.59 -13.21 -11.31
N PRO B 202 -14.28 -14.29 -10.91
CA PRO B 202 -15.72 -14.40 -11.16
C PRO B 202 -16.58 -13.17 -10.80
N PRO B 203 -16.43 -12.62 -9.58
CA PRO B 203 -17.22 -11.45 -9.18
C PRO B 203 -16.94 -10.21 -10.03
N VAL B 204 -15.68 -10.05 -10.42
CA VAL B 204 -15.28 -8.89 -11.22
C VAL B 204 -14.31 -9.34 -12.33
N PRO B 205 -14.84 -9.98 -13.38
CA PRO B 205 -14.03 -10.46 -14.50
C PRO B 205 -13.26 -9.37 -15.26
N GLN B 206 -13.70 -8.13 -15.13
CA GLN B 206 -13.04 -7.02 -15.81
C GLN B 206 -11.68 -6.71 -15.17
N HIS B 207 -11.33 -7.46 -14.12
CA HIS B 207 -10.03 -7.27 -13.46
C HIS B 207 -9.09 -8.43 -13.76
N ASP B 208 -9.56 -9.39 -14.54
CA ASP B 208 -8.74 -10.56 -14.87
C ASP B 208 -7.34 -10.23 -15.37
N HIS B 209 -7.23 -9.30 -16.32
CA HIS B 209 -5.94 -8.93 -16.88
C HIS B 209 -5.03 -8.16 -15.92
N LEU B 210 -5.55 -7.85 -14.73
CA LEU B 210 -4.79 -7.13 -13.73
C LEU B 210 -4.34 -8.05 -12.59
N THR B 211 -4.56 -9.35 -12.72
CA THR B 211 -4.19 -10.27 -11.65
C THR B 211 -2.73 -10.17 -11.22
N SER B 212 -1.80 -10.16 -12.16
CA SER B 212 -0.39 -10.05 -11.79
C SER B 212 -0.12 -8.68 -11.18
N PHE B 213 -0.61 -7.64 -11.83
CA PHE B 213 -0.44 -6.26 -11.37
C PHE B 213 -0.86 -6.07 -9.91
N HIS B 214 -2.05 -6.53 -9.56
CA HIS B 214 -2.56 -6.38 -8.20
C HIS B 214 -1.75 -7.15 -7.16
N HIS B 215 -1.29 -8.34 -7.55
CA HIS B 215 -0.48 -9.18 -6.67
C HIS B 215 0.87 -8.51 -6.41
N LEU B 216 1.55 -8.11 -7.47
CA LEU B 216 2.86 -7.48 -7.31
C LEU B 216 2.74 -6.09 -6.65
N LEU B 217 1.67 -5.38 -6.95
CA LEU B 217 1.45 -4.06 -6.36
C LEU B 217 1.36 -4.20 -4.84
N SER B 218 0.62 -5.21 -4.39
CA SER B 218 0.45 -5.45 -2.97
C SER B 218 1.78 -5.80 -2.27
N MET B 219 2.59 -6.63 -2.91
CA MET B 219 3.88 -7.02 -2.31
C MET B 219 4.86 -5.85 -2.27
N GLN B 220 4.94 -5.10 -3.37
CA GLN B 220 5.85 -3.97 -3.44
C GLN B 220 5.49 -2.86 -2.45
N ALA B 221 4.21 -2.53 -2.38
CA ALA B 221 3.75 -1.48 -1.47
C ALA B 221 3.93 -1.89 -0.02
N GLY B 222 3.60 -3.13 0.30
CA GLY B 222 3.74 -3.60 1.67
C GLY B 222 5.18 -3.54 2.14
N SER B 223 6.10 -3.98 1.28
CA SER B 223 7.52 -3.98 1.62
C SER B 223 8.03 -2.56 1.81
N TYR B 224 7.76 -1.72 0.82
CA TYR B 224 8.20 -0.33 0.88
C TYR B 224 7.73 0.44 2.10
N GLN B 225 6.42 0.43 2.32
CA GLN B 225 5.87 1.18 3.43
C GLN B 225 6.18 0.67 4.84
N ASN B 226 6.71 -0.55 4.93
CA ASN B 226 7.09 -1.10 6.22
C ASN B 226 8.60 -1.36 6.28
N GLY B 227 9.30 -1.01 5.20
CA GLY B 227 10.73 -1.22 5.16
C GLY B 227 11.08 -2.67 5.45
N ALA B 228 10.33 -3.58 4.84
CA ALA B 228 10.54 -5.00 5.06
C ALA B 228 10.81 -5.78 3.77
N TRP B 229 11.68 -6.78 3.87
CA TRP B 229 11.94 -7.67 2.72
C TRP B 229 10.67 -8.52 2.72
N SER B 230 10.26 -8.99 1.55
CA SER B 230 9.08 -9.85 1.51
C SER B 230 9.26 -10.92 0.44
N ALA B 231 8.46 -11.97 0.54
CA ALA B 231 8.52 -13.06 -0.42
C ALA B 231 7.15 -13.70 -0.51
N ALA B 232 6.75 -14.02 -1.73
CA ALA B 232 5.44 -14.64 -1.95
C ALA B 232 5.61 -15.84 -2.87
N ALA B 233 5.22 -17.01 -2.38
CA ALA B 233 5.33 -18.25 -3.14
C ALA B 233 3.97 -18.70 -3.62
N GLY B 234 3.77 -18.68 -4.94
CA GLY B 234 2.48 -19.11 -5.42
C GLY B 234 2.46 -20.55 -5.92
N LYS B 235 1.25 -21.11 -5.98
CA LYS B 235 1.06 -22.44 -6.55
C LYS B 235 0.37 -22.00 -7.83
N ALA B 236 1.06 -22.19 -8.95
CA ALA B 236 0.56 -21.74 -10.25
C ALA B 236 0.26 -22.83 -11.26
N GLY B 237 -0.21 -22.40 -12.43
CA GLY B 237 -0.51 -23.32 -13.50
C GLY B 237 -1.97 -23.75 -13.53
N MET B 238 -2.29 -24.60 -14.51
CA MET B 238 -3.66 -25.09 -14.68
C MET B 238 -3.91 -26.23 -13.70
N GLU B 239 -4.55 -25.91 -12.58
CA GLU B 239 -4.85 -26.91 -11.56
C GLU B 239 -6.34 -27.25 -11.57
N GLU B 240 -6.66 -28.48 -11.93
CA GLU B 240 -8.05 -28.93 -11.98
C GLU B 240 -8.92 -27.96 -12.79
N ASN B 241 -8.46 -27.60 -13.97
CA ASN B 241 -9.18 -26.70 -14.88
C ASN B 241 -9.27 -25.24 -14.47
N CYS B 242 -8.51 -24.84 -13.46
CA CYS B 242 -8.51 -23.44 -13.02
C CYS B 242 -7.08 -22.92 -13.10
N MET B 243 -6.86 -21.90 -13.92
CA MET B 243 -5.52 -21.33 -14.07
C MET B 243 -5.15 -20.48 -12.86
N LEU B 244 -3.99 -20.80 -12.27
CA LEU B 244 -3.51 -20.08 -11.09
C LEU B 244 -2.32 -19.19 -11.44
N LEU B 245 -2.27 -18.03 -10.80
CA LEU B 245 -1.22 -17.04 -11.03
C LEU B 245 0.16 -17.48 -10.57
N GLY B 246 1.17 -17.14 -11.39
CA GLY B 246 2.54 -17.43 -11.06
C GLY B 246 3.14 -16.15 -10.49
N HIS B 247 4.25 -15.71 -11.06
CA HIS B 247 4.90 -14.49 -10.58
C HIS B 247 5.22 -14.49 -9.08
N SER B 248 5.78 -15.60 -8.60
CA SER B 248 6.20 -15.70 -7.22
C SER B 248 7.34 -14.70 -7.17
N CYS B 249 7.57 -14.09 -6.01
CA CYS B 249 8.61 -13.06 -5.95
C CYS B 249 9.28 -12.85 -4.61
N ILE B 250 10.40 -12.13 -4.67
CA ILE B 250 11.15 -11.73 -3.49
C ILE B 250 11.30 -10.22 -3.71
N VAL B 251 10.99 -9.45 -2.67
CA VAL B 251 11.01 -7.99 -2.73
C VAL B 251 11.87 -7.35 -1.65
N ALA B 252 12.62 -6.31 -2.01
CA ALA B 252 13.47 -5.60 -1.07
C ALA B 252 12.65 -4.60 -0.25
N PRO B 253 13.22 -4.08 0.84
CA PRO B 253 12.54 -3.11 1.72
C PRO B 253 12.16 -1.81 1.02
N THR B 254 12.69 -1.61 -0.19
CA THR B 254 12.42 -0.43 -0.99
C THR B 254 11.21 -0.69 -1.90
N GLY B 255 10.74 -1.93 -1.92
CA GLY B 255 9.61 -2.27 -2.76
C GLY B 255 10.08 -2.79 -4.11
N GLU B 256 11.39 -2.84 -4.32
CA GLU B 256 11.95 -3.32 -5.58
C GLU B 256 11.89 -4.84 -5.66
N ILE B 257 11.38 -5.36 -6.77
CA ILE B 257 11.30 -6.82 -6.94
C ILE B 257 12.71 -7.27 -7.32
N VAL B 258 13.31 -8.10 -6.47
CA VAL B 258 14.67 -8.58 -6.72
C VAL B 258 14.75 -9.97 -7.34
N ALA B 259 13.65 -10.72 -7.31
CA ALA B 259 13.58 -12.05 -7.91
C ALA B 259 12.13 -12.33 -8.32
N LEU B 260 11.95 -12.94 -9.48
CA LEU B 260 10.61 -13.23 -9.98
C LEU B 260 10.61 -14.53 -10.80
N THR B 261 9.62 -15.39 -10.58
CA THR B 261 9.53 -16.63 -11.35
C THR B 261 8.93 -16.32 -12.72
N THR B 262 9.28 -17.13 -13.72
CA THR B 262 8.74 -16.92 -15.05
C THR B 262 7.97 -18.12 -15.60
N THR B 263 7.98 -19.23 -14.88
CA THR B 263 7.24 -20.41 -15.34
C THR B 263 6.01 -20.58 -14.47
N LEU B 264 5.20 -21.58 -14.77
CA LEU B 264 4.01 -21.89 -14.00
C LEU B 264 4.18 -23.31 -13.45
N GLU B 265 5.43 -23.69 -13.18
CA GLU B 265 5.76 -25.01 -12.67
C GLU B 265 6.57 -24.87 -11.37
N ASP B 266 7.00 -26.00 -10.80
CA ASP B 266 7.82 -25.94 -9.60
C ASP B 266 9.04 -25.12 -10.01
N GLU B 267 9.34 -24.06 -9.26
CA GLU B 267 10.47 -23.21 -9.60
C GLU B 267 11.07 -22.55 -8.37
N VAL B 268 12.39 -22.57 -8.30
CA VAL B 268 13.09 -21.95 -7.18
C VAL B 268 13.78 -20.65 -7.63
N ILE B 269 13.58 -19.60 -6.85
CA ILE B 269 14.23 -18.32 -7.10
C ILE B 269 14.91 -17.94 -5.78
N THR B 270 16.00 -17.18 -5.86
CA THR B 270 16.71 -16.77 -4.65
C THR B 270 17.16 -15.34 -4.75
N ALA B 271 17.50 -14.77 -3.60
CA ALA B 271 17.97 -13.39 -3.53
C ALA B 271 18.77 -13.22 -2.25
N ALA B 272 19.84 -12.44 -2.32
CA ALA B 272 20.66 -12.17 -1.15
C ALA B 272 19.89 -11.14 -0.32
N VAL B 273 19.79 -11.40 0.98
CA VAL B 273 19.06 -10.51 1.89
C VAL B 273 19.95 -9.93 2.97
N ASP B 274 19.95 -8.60 3.07
CA ASP B 274 20.72 -7.89 4.09
C ASP B 274 19.67 -7.29 5.01
N LEU B 275 19.53 -7.84 6.21
CA LEU B 275 18.55 -7.36 7.16
C LEU B 275 18.71 -5.89 7.58
N ASP B 276 19.94 -5.38 7.51
CA ASP B 276 20.17 -4.00 7.88
C ASP B 276 19.64 -3.01 6.83
N ARG B 277 19.29 -3.52 5.65
CA ARG B 277 18.79 -2.65 4.60
C ARG B 277 17.46 -2.02 5.01
N CYS B 278 16.77 -2.69 5.94
CA CYS B 278 15.48 -2.20 6.41
C CYS B 278 15.62 -0.79 7.01
N ARG B 279 16.79 -0.51 7.56
CA ARG B 279 17.08 0.79 8.17
C ARG B 279 16.96 1.97 7.20
N GLU B 280 17.23 1.72 5.91
CA GLU B 280 17.15 2.79 4.92
C GLU B 280 15.77 3.43 4.90
N LEU B 281 14.76 2.66 5.29
CA LEU B 281 13.39 3.15 5.33
C LEU B 281 12.94 3.42 6.76
N ARG B 282 13.14 2.44 7.64
CA ARG B 282 12.69 2.55 9.02
C ARG B 282 13.42 3.52 9.94
N GLU B 283 14.51 4.11 9.46
CA GLU B 283 15.23 5.09 10.25
C GLU B 283 15.15 6.44 9.57
N HIS B 284 14.45 6.48 8.44
CA HIS B 284 14.34 7.71 7.68
C HIS B 284 12.94 8.11 7.23
N ILE B 285 12.59 7.89 5.97
CA ILE B 285 11.27 8.30 5.51
C ILE B 285 10.15 7.61 6.29
N PHE B 286 10.38 6.38 6.73
CA PHE B 286 9.38 5.64 7.48
C PHE B 286 9.84 5.36 8.91
N ASN B 287 10.39 6.39 9.54
CA ASN B 287 10.81 6.29 10.93
C ASN B 287 9.51 6.44 11.70
N PHE B 288 8.85 5.33 12.00
CA PHE B 288 7.57 5.32 12.69
C PHE B 288 7.46 6.26 13.89
N LYS B 289 8.33 6.05 14.86
CA LYS B 289 8.30 6.86 16.08
C LYS B 289 8.38 8.36 15.83
N GLN B 290 9.14 8.76 14.82
CA GLN B 290 9.30 10.18 14.51
C GLN B 290 8.19 10.80 13.68
N HIS B 291 7.53 9.99 12.85
CA HIS B 291 6.51 10.52 11.95
C HIS B 291 5.04 10.14 12.15
N ARG B 292 4.77 8.94 12.66
CA ARG B 292 3.38 8.52 12.85
C ARG B 292 2.63 9.31 13.91
N GLN B 293 1.33 9.51 13.68
CA GLN B 293 0.46 10.23 14.61
C GLN B 293 -0.75 9.33 14.85
N PRO B 294 -0.56 8.24 15.63
CA PRO B 294 -1.60 7.26 15.94
C PRO B 294 -2.91 7.83 16.49
N GLN B 295 -2.87 9.03 17.07
CA GLN B 295 -4.08 9.63 17.62
C GLN B 295 -5.10 9.91 16.53
N HIS B 296 -4.67 9.80 15.27
CA HIS B 296 -5.55 10.04 14.13
C HIS B 296 -5.90 8.77 13.36
N TYR B 297 -5.42 7.62 13.84
CA TYR B 297 -5.69 6.37 13.13
C TYR B 297 -6.75 5.48 13.80
N GLY B 298 -7.35 5.98 14.86
CA GLY B 298 -8.34 5.21 15.59
C GLY B 298 -9.40 4.47 14.79
N LEU B 299 -9.93 5.09 13.74
CA LEU B 299 -10.97 4.46 12.95
C LEU B 299 -10.56 3.11 12.38
N ILE B 300 -9.27 2.95 12.11
CA ILE B 300 -8.77 1.70 11.55
C ILE B 300 -8.99 0.53 12.49
N ALA B 301 -9.00 0.80 13.80
CA ALA B 301 -9.18 -0.25 14.78
C ALA B 301 -10.58 -0.35 15.38
N GLU B 302 -11.50 0.48 14.92
CA GLU B 302 -12.87 0.44 15.43
C GLU B 302 -13.60 -0.80 14.92
N LEU B 303 -14.36 -1.44 15.81
CA LEU B 303 -15.11 -2.64 15.46
C LEU B 303 -16.40 -2.30 14.72
NT CDT C . 6.57 17.85 0.65
CT CDT C . 6.86 16.60 1.05
OT CDT C . 6.21 16.07 1.93
N CDT C . 7.87 15.93 0.42
CA CDT C . 8.33 14.59 0.85
CB CDT C . 9.77 14.38 0.35
CG CDT C . 10.39 13.05 0.84
SD CDT C . 10.51 12.97 2.66
CE CDT C . 11.46 14.47 3.01
C CDT C . 7.41 13.52 0.27
O CDT C . 7.00 13.60 -0.86
OXT CDT C . 7.07 12.48 1.04
C1 EDO D . 4.22 -0.06 -9.93
O1 EDO D . 3.80 0.56 -8.69
C2 EDO D . 3.98 -1.53 -9.84
O2 EDO D . 3.43 -1.91 -8.58
NT CDT E . -6.00 -17.99 -1.71
CT CDT E . -6.42 -16.71 -1.82
OT CDT E . -6.53 -16.02 -0.81
N CDT E . -6.69 -16.21 -3.04
CA CDT E . -7.26 -14.87 -3.25
CB CDT E . -7.95 -14.82 -4.64
CG CDT E . -8.65 -13.47 -4.92
SD CDT E . -9.94 -13.08 -3.69
CE CDT E . -11.04 -14.51 -3.90
C CDT E . -6.15 -13.82 -3.17
O CDT E . -5.07 -14.03 -3.65
OXT CDT E . -6.41 -12.67 -2.55
#